data_1KQ0
#
_entry.id   1KQ0
#
_cell.length_a   89.727
_cell.length_b   98.938
_cell.length_c   100.628
_cell.angle_alpha   90.00
_cell.angle_beta   90.00
_cell.angle_gamma   90.00
#
_symmetry.space_group_name_H-M   'C 2 2 21'
#
loop_
_entity.id
_entity.type
_entity.pdbx_description
1 polymer 'Methionine aminopeptidase 2'
2 non-polymer 'ZINC ION'
3 non-polymer D-METHIONINE
4 non-polymer 'TERTIARY-BUTYL ALCOHOL'
5 water water
#
_entity_poly.entity_id   1
_entity_poly.type   'polypeptide(L)'
_entity_poly.pdbx_seq_one_letter_code
;MAGVEEVAASGSHLNGDLDPDDREEGAASTAEEAAKKKRRKKKKSKGPSAAGEQEPDKESGASVDEVARQLERSALEDKE
RDEDDEDGDGDGDGATGKKKKKKKKKRGPKVQTDPPSVPICDLYPNGVFPKGQECEYPPTQDGRTAAWRTTSEEKKALDQ
ASEEIWNDFREAAEAHRQVRKYVMSWIKPGMTMIEICEKLEDCSRKLIKENGLNAGLAFPTGCSLNNCAAHYTPNAGDTT
VLQYDDICKIDFGTHISGRIIDCAFTVTFNPKYDTLLKAVKDATNTGIKCAGIDVRLCDVGEAIQEVMESYEVEIDGKTY
QVKPIRNLNGHSIGQYRIHAGKTVPIIKGGEATRMEEGEVYAIETFGSTGKGVVHDDMECSHYMKNFDVGHVPIRLPRTK
HLLNVINENFGTLAFCRRWLDRLGESKYLMALKNLCDLGIVDPYPPLCDIKGSYTAQFEHTILLRPTCKEVVSRGDDY
;
_entity_poly.pdbx_strand_id   A
#
loop_
_chem_comp.id
_chem_comp.type
_chem_comp.name
_chem_comp.formula
TBU non-polymer 'TERTIARY-BUTYL ALCOHOL' 'C4 H10 O'
ZN non-polymer 'ZINC ION' 'Zn 2'
#
# COMPACT_ATOMS: atom_id res chain seq x y z
N VAL A 111 -15.60 -16.17 16.55
CA VAL A 111 -14.26 -15.88 17.16
C VAL A 111 -13.11 -16.31 16.24
N GLN A 112 -12.30 -15.35 15.82
CA GLN A 112 -11.06 -15.62 15.10
C GLN A 112 -10.08 -16.58 15.80
N THR A 113 -9.41 -17.40 14.99
CA THR A 113 -8.39 -18.33 15.42
C THR A 113 -7.04 -17.66 15.55
N ASP A 114 -6.16 -18.25 16.35
CA ASP A 114 -4.78 -17.80 16.42
C ASP A 114 -3.90 -19.03 16.13
N PRO A 115 -3.27 -19.07 14.96
CA PRO A 115 -3.30 -17.97 13.99
C PRO A 115 -4.58 -17.83 13.17
N PRO A 116 -4.83 -16.62 12.71
CA PRO A 116 -6.10 -16.27 12.06
C PRO A 116 -6.47 -17.17 10.89
N SER A 117 -7.74 -17.58 10.85
CA SER A 117 -8.24 -18.43 9.78
C SER A 117 -9.72 -18.17 9.47
N VAL A 118 -10.41 -17.47 10.36
CA VAL A 118 -11.83 -17.17 10.16
C VAL A 118 -11.99 -15.89 9.35
N PRO A 119 -12.60 -15.99 8.19
CA PRO A 119 -12.83 -14.81 7.36
C PRO A 119 -13.54 -13.72 8.13
N ILE A 120 -13.19 -12.48 7.84
CA ILE A 120 -13.82 -11.34 8.49
C ILE A 120 -15.33 -11.37 8.26
N CYS A 121 -15.76 -11.82 7.09
CA CYS A 121 -17.19 -11.89 6.78
C CYS A 121 -17.94 -12.75 7.80
N ASP A 122 -17.30 -13.82 8.26
CA ASP A 122 -17.91 -14.77 9.19
C ASP A 122 -17.86 -14.32 10.64
N LEU A 123 -17.11 -13.25 10.92
CA LEU A 123 -17.00 -12.71 12.28
C LEU A 123 -18.06 -11.63 12.55
N TYR A 124 -18.61 -11.07 11.48
CA TYR A 124 -19.64 -10.04 11.56
C TYR A 124 -20.79 -10.50 10.67
N PRO A 125 -21.66 -11.35 11.23
CA PRO A 125 -22.71 -12.03 10.45
C PRO A 125 -23.72 -11.10 9.77
N ASN A 126 -23.98 -9.95 10.37
CA ASN A 126 -24.93 -9.00 9.80
C ASN A 126 -24.35 -8.21 8.63
N GLY A 127 -23.08 -8.46 8.31
CA GLY A 127 -22.45 -7.79 7.19
C GLY A 127 -22.14 -6.32 7.47
N VAL A 128 -22.14 -5.95 8.74
CA VAL A 128 -21.82 -4.60 9.16
C VAL A 128 -20.45 -4.64 9.81
N PHE A 129 -19.51 -3.88 9.27
CA PHE A 129 -18.14 -3.94 9.75
C PHE A 129 -17.73 -2.68 10.53
N PRO A 130 -16.79 -2.83 11.45
CA PRO A 130 -16.35 -1.75 12.33
C PRO A 130 -15.81 -0.50 11.61
N LYS A 131 -16.21 0.65 12.12
CA LYS A 131 -15.75 1.91 11.59
C LYS A 131 -14.28 2.06 11.97
N GLY A 132 -13.54 2.82 11.15
CA GLY A 132 -12.19 3.15 11.52
C GLY A 132 -12.34 4.35 12.45
N GLN A 133 -11.25 5.08 12.67
CA GLN A 133 -11.29 6.27 13.51
C GLN A 133 -12.01 7.39 12.74
N GLU A 134 -13.04 7.96 13.34
CA GLU A 134 -13.78 9.06 12.73
C GLU A 134 -13.35 10.37 13.36
N CYS A 135 -13.06 11.36 12.51
CA CYS A 135 -12.59 12.66 12.97
C CYS A 135 -13.40 13.74 12.29
N GLU A 136 -13.61 14.85 13.00
CA GLU A 136 -14.25 16.01 12.41
C GLU A 136 -13.20 16.65 11.50
N TYR A 137 -13.65 17.29 10.43
CA TYR A 137 -12.77 17.93 9.48
C TYR A 137 -12.09 19.15 10.13
N PRO A 138 -10.83 19.44 9.76
CA PRO A 138 -10.14 20.60 10.33
C PRO A 138 -10.91 21.90 10.09
N GLU A 153 -28.16 16.49 8.34
CA GLU A 153 -28.94 17.12 7.29
C GLU A 153 -28.86 16.35 5.97
N GLU A 154 -28.60 17.13 4.92
CA GLU A 154 -28.48 16.63 3.57
C GLU A 154 -27.18 15.85 3.43
N LYS A 155 -26.14 16.30 4.13
CA LYS A 155 -24.83 15.63 4.06
C LYS A 155 -24.89 14.28 4.77
N LYS A 156 -25.68 14.22 5.83
CA LYS A 156 -25.87 13.00 6.59
C LYS A 156 -26.62 12.01 5.71
N ALA A 157 -27.56 12.52 4.92
CA ALA A 157 -28.32 11.69 4.00
C ALA A 157 -27.38 11.16 2.92
N LEU A 158 -26.54 12.07 2.42
CA LEU A 158 -25.56 11.77 1.38
C LEU A 158 -24.55 10.73 1.85
N ASP A 159 -24.15 10.83 3.11
CA ASP A 159 -23.23 9.90 3.73
C ASP A 159 -23.84 8.49 3.79
N GLN A 160 -25.08 8.41 4.28
CA GLN A 160 -25.78 7.13 4.42
C GLN A 160 -26.05 6.42 3.10
N ALA A 161 -26.22 7.20 2.03
CA ALA A 161 -26.47 6.63 0.70
C ALA A 161 -25.32 5.77 0.18
N SER A 162 -24.11 6.01 0.70
CA SER A 162 -22.94 5.26 0.23
C SER A 162 -22.44 4.31 1.31
N GLU A 163 -23.31 4.02 2.27
CA GLU A 163 -22.96 3.15 3.38
C GLU A 163 -22.40 1.80 2.93
N GLU A 164 -22.96 1.23 1.86
CA GLU A 164 -22.52 -0.08 1.37
C GLU A 164 -21.06 0.01 0.92
N ILE A 165 -20.69 1.16 0.37
CA ILE A 165 -19.31 1.39 -0.05
C ILE A 165 -18.37 1.48 1.16
N TRP A 166 -18.73 2.29 2.16
CA TRP A 166 -17.88 2.46 3.34
C TRP A 166 -17.71 1.12 4.03
N ASN A 167 -18.80 0.38 4.05
CA ASN A 167 -18.82 -0.92 4.67
C ASN A 167 -17.84 -1.90 4.03
N ASP A 168 -17.76 -1.85 2.70
CA ASP A 168 -16.82 -2.68 1.95
C ASP A 168 -15.38 -2.31 2.33
N PHE A 169 -15.10 -1.01 2.41
CA PHE A 169 -13.77 -0.54 2.82
C PHE A 169 -13.42 -1.06 4.21
N ARG A 170 -14.42 -1.01 5.09
CA ARG A 170 -14.27 -1.38 6.49
C ARG A 170 -14.01 -2.86 6.61
N GLU A 171 -14.67 -3.66 5.78
CA GLU A 171 -14.46 -5.10 5.82
C GLU A 171 -13.00 -5.35 5.43
N ALA A 172 -12.56 -4.71 4.35
CA ALA A 172 -11.19 -4.84 3.87
C ALA A 172 -10.18 -4.36 4.89
N ALA A 173 -10.54 -3.31 5.63
CA ALA A 173 -9.66 -2.76 6.65
C ALA A 173 -9.49 -3.71 7.83
N GLU A 174 -10.57 -4.34 8.26
CA GLU A 174 -10.50 -5.29 9.38
C GLU A 174 -9.59 -6.44 8.98
N ALA A 175 -9.69 -6.89 7.74
CA ALA A 175 -8.83 -7.95 7.27
C ALA A 175 -7.38 -7.48 7.38
N HIS A 176 -7.10 -6.26 6.91
CA HIS A 176 -5.75 -5.66 7.00
C HIS A 176 -5.24 -5.60 8.42
N ARG A 177 -6.08 -5.15 9.34
CA ARG A 177 -5.70 -5.07 10.74
C ARG A 177 -5.33 -6.43 11.30
N GLN A 178 -6.14 -7.44 11.03
CA GLN A 178 -5.88 -8.78 11.57
C GLN A 178 -4.65 -9.43 10.92
N VAL A 179 -4.50 -9.29 9.61
CA VAL A 179 -3.31 -9.82 8.94
C VAL A 179 -2.03 -9.20 9.54
N ARG A 180 -1.98 -7.88 9.59
CA ARG A 180 -0.77 -7.19 10.06
C ARG A 180 -0.44 -7.51 11.52
N LYS A 181 -1.45 -7.60 12.38
CA LYS A 181 -1.22 -8.00 13.78
C LYS A 181 -0.53 -9.36 13.83
N TYR A 182 -1.01 -10.27 13.00
CA TYR A 182 -0.47 -11.61 12.90
C TYR A 182 0.99 -11.55 12.42
N VAL A 183 1.23 -10.84 11.33
CA VAL A 183 2.58 -10.69 10.79
C VAL A 183 3.55 -10.14 11.84
N MET A 184 3.12 -9.12 12.59
CA MET A 184 3.99 -8.52 13.62
C MET A 184 4.39 -9.54 14.69
N SER A 185 3.55 -10.55 14.90
CA SER A 185 3.83 -11.58 15.91
C SER A 185 4.95 -12.56 15.50
N TRP A 186 5.14 -12.80 14.21
CA TRP A 186 6.14 -13.80 13.78
C TRP A 186 7.25 -13.31 12.87
N ILE A 187 7.14 -12.12 12.29
CA ILE A 187 8.19 -11.68 11.36
C ILE A 187 9.50 -11.53 12.12
N LYS A 188 10.55 -12.16 11.60
CA LYS A 188 11.83 -12.21 12.29
C LYS A 188 12.99 -12.36 11.33
N PRO A 189 14.15 -11.84 11.72
CA PRO A 189 15.35 -12.01 10.92
C PRO A 189 15.61 -13.50 10.84
N GLY A 190 16.13 -13.98 9.73
CA GLY A 190 16.32 -15.40 9.57
C GLY A 190 15.38 -15.94 8.51
N MET A 191 14.18 -15.36 8.42
CA MET A 191 13.20 -15.76 7.41
C MET A 191 13.54 -15.21 6.05
N THR A 192 13.21 -15.96 5.01
CA THR A 192 13.45 -15.45 3.68
C THR A 192 12.32 -14.47 3.37
N MET A 193 12.56 -13.55 2.46
CA MET A 193 11.53 -12.59 2.08
C MET A 193 10.34 -13.34 1.45
N ILE A 194 10.64 -14.40 0.71
CA ILE A 194 9.59 -15.22 0.12
C ILE A 194 8.70 -15.84 1.21
N GLU A 195 9.30 -16.43 2.25
CA GLU A 195 8.52 -17.04 3.34
C GLU A 195 7.61 -16.01 4.01
N ILE A 196 8.16 -14.82 4.24
CA ILE A 196 7.40 -13.75 4.86
C ILE A 196 6.18 -13.40 4.01
N CYS A 197 6.39 -13.15 2.71
CA CYS A 197 5.30 -12.73 1.83
C CYS A 197 4.25 -13.83 1.64
N GLU A 198 4.71 -15.08 1.53
CA GLU A 198 3.77 -16.18 1.32
C GLU A 198 2.91 -16.40 2.57
N LYS A 199 3.52 -16.31 3.74
CA LYS A 199 2.79 -16.47 4.99
C LYS A 199 1.79 -15.32 5.18
N LEU A 200 2.22 -14.09 4.89
CA LEU A 200 1.32 -12.94 4.97
C LEU A 200 0.17 -13.08 3.98
N GLU A 201 0.49 -13.42 2.74
CA GLU A 201 -0.50 -13.49 1.69
C GLU A 201 -1.51 -14.60 1.92
N ASP A 202 -1.05 -15.72 2.47
CA ASP A 202 -1.94 -16.82 2.81
C ASP A 202 -3.01 -16.38 3.79
N CYS A 203 -2.58 -15.67 4.81
CA CYS A 203 -3.50 -15.19 5.83
C CYS A 203 -4.45 -14.16 5.25
N SER A 204 -3.92 -13.26 4.44
CA SER A 204 -4.74 -12.24 3.81
C SER A 204 -5.84 -12.88 2.93
N ARG A 205 -5.47 -13.88 2.12
CA ARG A 205 -6.45 -14.54 1.25
C ARG A 205 -7.58 -15.15 2.06
N LYS A 206 -7.22 -15.76 3.19
CA LYS A 206 -8.16 -16.40 4.09
C LYS A 206 -9.14 -15.42 4.74
N LEU A 207 -8.62 -14.35 5.34
CA LEU A 207 -9.45 -13.40 6.07
C LEU A 207 -10.34 -12.56 5.15
N ILE A 208 -9.83 -12.20 3.98
CA ILE A 208 -10.62 -11.43 3.03
C ILE A 208 -11.59 -12.33 2.26
N LYS A 209 -11.46 -13.64 2.45
CA LYS A 209 -12.29 -14.62 1.77
C LYS A 209 -12.18 -14.43 0.27
N GLU A 210 -10.97 -14.62 -0.23
CA GLU A 210 -10.68 -14.37 -1.64
C GLU A 210 -11.73 -14.98 -2.55
N ASN A 211 -12.23 -14.19 -3.50
CA ASN A 211 -13.23 -14.66 -4.44
C ASN A 211 -13.08 -13.91 -5.75
N GLY A 212 -12.20 -14.42 -6.61
CA GLY A 212 -11.93 -13.78 -7.90
C GLY A 212 -11.70 -12.30 -7.72
N LEU A 213 -12.38 -11.49 -8.53
CA LEU A 213 -12.26 -10.03 -8.47
C LEU A 213 -13.20 -9.38 -7.47
N ASN A 214 -14.05 -10.16 -6.79
CA ASN A 214 -15.00 -9.60 -5.85
C ASN A 214 -14.41 -9.41 -4.45
N ALA A 215 -13.38 -10.18 -4.14
CA ALA A 215 -12.68 -10.07 -2.87
C ALA A 215 -11.29 -10.62 -3.06
N GLY A 216 -10.27 -9.90 -2.59
CA GLY A 216 -8.92 -10.40 -2.74
C GLY A 216 -7.81 -9.48 -2.30
N LEU A 217 -6.62 -9.76 -2.81
CA LEU A 217 -5.44 -8.96 -2.54
C LEU A 217 -5.40 -7.84 -3.57
N ALA A 218 -5.29 -6.60 -3.11
CA ALA A 218 -5.35 -5.44 -3.99
C ALA A 218 -4.05 -5.23 -4.76
N PHE A 219 -2.93 -5.64 -4.18
CA PHE A 219 -1.65 -5.48 -4.81
C PHE A 219 -0.64 -6.31 -4.02
N PRO A 220 0.51 -6.59 -4.61
CA PRO A 220 1.49 -7.46 -3.96
C PRO A 220 2.06 -6.90 -2.67
N THR A 221 2.58 -7.80 -1.85
CA THR A 221 3.20 -7.45 -0.59
C THR A 221 4.56 -6.81 -0.77
N GLY A 222 4.59 -5.49 -0.59
CA GLY A 222 5.85 -4.78 -0.55
C GLY A 222 6.58 -5.20 0.72
N CYS A 223 7.86 -5.48 0.61
CA CYS A 223 8.69 -5.78 1.78
C CYS A 223 10.05 -5.14 1.56
N SER A 224 10.02 -3.95 0.95
CA SER A 224 11.21 -3.18 0.60
C SER A 224 12.18 -2.99 1.76
N LEU A 225 13.45 -3.30 1.48
CA LEU A 225 14.51 -3.29 2.49
C LEU A 225 15.48 -2.11 2.38
N ASN A 226 15.77 -1.51 3.53
CA ASN A 226 16.86 -0.56 3.66
C ASN A 226 16.74 0.71 2.81
N ASN A 227 17.62 0.89 1.83
CA ASN A 227 17.58 2.07 0.96
C ASN A 227 16.40 1.98 0.02
N CYS A 228 15.87 0.78 -0.10
CA CYS A 228 14.74 0.58 -0.98
C CYS A 228 13.44 0.84 -0.20
N ALA A 229 12.63 1.74 -0.73
CA ALA A 229 11.44 2.24 -0.04
C ALA A 229 10.14 1.57 -0.44
N ALA A 230 10.05 1.18 -1.71
CA ALA A 230 8.79 0.68 -2.25
C ALA A 230 8.94 -0.24 -3.46
N HIS A 231 7.88 -1.01 -3.75
CA HIS A 231 7.81 -1.88 -4.94
C HIS A 231 8.73 -3.05 -5.06
N TYR A 232 9.29 -3.47 -3.94
CA TYR A 232 10.04 -4.70 -3.94
C TYR A 232 9.24 -5.79 -3.27
N THR A 233 9.07 -6.88 -4.00
CA THR A 233 8.59 -8.12 -3.44
C THR A 233 9.41 -9.15 -4.21
N PRO A 234 9.81 -10.24 -3.56
CA PRO A 234 10.66 -11.21 -4.24
C PRO A 234 9.98 -11.93 -5.39
N ASN A 235 10.74 -12.21 -6.43
CA ASN A 235 10.30 -13.10 -7.49
C ASN A 235 10.79 -14.51 -7.14
N ALA A 236 10.34 -15.52 -7.87
CA ALA A 236 10.81 -16.90 -7.68
C ALA A 236 12.33 -16.95 -7.66
N GLY A 237 12.90 -17.76 -6.78
CA GLY A 237 14.34 -17.90 -6.68
C GLY A 237 15.08 -16.88 -5.82
N ASP A 238 14.41 -15.82 -5.39
CA ASP A 238 15.03 -14.81 -4.56
C ASP A 238 15.43 -15.43 -3.21
N THR A 239 16.72 -15.45 -2.89
CA THR A 239 17.20 -16.06 -1.65
C THR A 239 17.43 -15.06 -0.52
N THR A 240 17.03 -13.81 -0.72
CA THR A 240 17.24 -12.77 0.30
C THR A 240 16.66 -13.17 1.64
N VAL A 241 17.46 -12.96 2.70
CA VAL A 241 17.10 -13.29 4.07
C VAL A 241 16.97 -12.00 4.87
N LEU A 242 15.94 -11.92 5.71
CA LEU A 242 15.71 -10.74 6.51
C LEU A 242 16.75 -10.69 7.62
N GLN A 243 17.40 -9.55 7.77
CA GLN A 243 18.50 -9.39 8.73
C GLN A 243 18.10 -8.55 9.93
N TYR A 244 18.85 -8.72 11.02
CA TYR A 244 18.59 -8.01 12.26
C TYR A 244 18.64 -6.50 12.07
N ASP A 245 19.55 -6.02 11.24
CA ASP A 245 19.69 -4.59 10.97
C ASP A 245 18.83 -4.08 9.80
N ASP A 246 17.98 -4.93 9.25
CA ASP A 246 17.12 -4.51 8.13
C ASP A 246 15.98 -3.60 8.58
N ILE A 247 15.61 -2.66 7.72
CA ILE A 247 14.43 -1.81 7.93
C ILE A 247 13.53 -2.15 6.75
N CYS A 248 12.49 -2.92 7.06
CA CYS A 248 11.57 -3.50 6.09
C CYS A 248 10.21 -2.81 6.07
N LYS A 249 9.80 -2.38 4.89
CA LYS A 249 8.51 -1.72 4.71
C LYS A 249 7.49 -2.71 4.20
N ILE A 250 6.56 -3.06 5.07
CA ILE A 250 5.50 -3.98 4.75
C ILE A 250 4.29 -3.15 4.33
N ASP A 251 3.97 -3.26 3.05
CA ASP A 251 2.91 -2.49 2.43
C ASP A 251 2.07 -3.47 1.63
N PHE A 252 0.86 -3.75 2.07
CA PHE A 252 0.03 -4.71 1.38
C PHE A 252 -1.40 -4.20 1.35
N GLY A 253 -2.19 -4.72 0.43
CA GLY A 253 -3.55 -4.25 0.26
C GLY A 253 -4.57 -5.36 0.15
N THR A 254 -5.78 -5.05 0.61
CA THR A 254 -6.91 -5.93 0.51
C THR A 254 -8.01 -5.12 -0.13
N HIS A 255 -8.98 -5.81 -0.71
CA HIS A 255 -10.19 -5.18 -1.23
C HIS A 255 -11.44 -6.01 -1.16
N ILE A 256 -12.57 -5.32 -1.17
CA ILE A 256 -13.85 -5.95 -1.32
C ILE A 256 -14.49 -5.17 -2.45
N SER A 257 -14.88 -5.85 -3.51
CA SER A 257 -15.52 -5.21 -4.65
C SER A 257 -14.73 -4.03 -5.19
N GLY A 258 -13.42 -4.11 -5.14
CA GLY A 258 -12.59 -3.05 -5.68
C GLY A 258 -12.46 -1.86 -4.76
N ARG A 259 -13.00 -1.96 -3.54
CA ARG A 259 -12.84 -0.92 -2.54
C ARG A 259 -11.54 -1.29 -1.84
N ILE A 260 -10.48 -0.53 -2.11
CA ILE A 260 -9.13 -0.91 -1.70
C ILE A 260 -8.61 -0.29 -0.43
N ILE A 261 -8.00 -1.10 0.43
CA ILE A 261 -7.27 -0.60 1.59
C ILE A 261 -5.77 -0.71 1.26
N ASP A 262 -5.11 0.45 1.24
CA ASP A 262 -3.68 0.58 1.03
C ASP A 262 -3.14 1.11 2.36
N CYS A 263 -2.43 0.25 3.10
CA CYS A 263 -1.97 0.56 4.44
C CYS A 263 -0.63 -0.13 4.66
N ALA A 264 0.29 0.55 5.34
CA ALA A 264 1.65 0.06 5.45
C ALA A 264 2.35 0.53 6.72
N PHE A 265 3.32 -0.27 7.15
CA PHE A 265 4.13 0.00 8.31
C PHE A 265 5.56 -0.48 8.09
N THR A 266 6.45 -0.06 8.98
CA THR A 266 7.86 -0.43 8.91
C THR A 266 8.22 -1.37 10.05
N VAL A 267 9.01 -2.38 9.72
CA VAL A 267 9.44 -3.38 10.68
C VAL A 267 10.94 -3.27 10.91
N THR A 268 11.35 -3.17 12.17
CA THR A 268 12.77 -3.20 12.49
C THR A 268 12.97 -4.12 13.68
N PHE A 269 14.22 -4.44 13.98
CA PHE A 269 14.54 -5.21 15.17
C PHE A 269 15.62 -4.55 16.00
N ASN A 270 16.35 -3.63 15.38
CA ASN A 270 17.38 -2.87 16.04
C ASN A 270 16.80 -1.51 16.43
N PRO A 271 16.80 -1.18 17.72
CA PRO A 271 16.28 0.10 18.19
C PRO A 271 16.95 1.36 17.64
N LYS A 272 18.09 1.22 16.94
CA LYS A 272 18.74 2.40 16.38
C LYS A 272 17.84 3.17 15.40
N TYR A 273 16.85 2.53 14.81
CA TYR A 273 15.96 3.22 13.88
C TYR A 273 14.73 3.80 14.54
N ASP A 274 14.62 3.69 15.88
CA ASP A 274 13.39 4.09 16.56
C ASP A 274 12.93 5.51 16.20
N THR A 275 13.83 6.48 16.23
CA THR A 275 13.44 7.87 15.97
C THR A 275 13.07 8.10 14.50
N LEU A 276 13.75 7.39 13.61
CA LEU A 276 13.45 7.51 12.19
C LEU A 276 12.00 7.03 11.98
N LEU A 277 11.66 5.93 12.63
CA LEU A 277 10.29 5.38 12.57
C LEU A 277 9.27 6.35 13.15
N LYS A 278 9.61 6.93 14.29
CA LYS A 278 8.71 7.88 14.91
C LYS A 278 8.52 9.11 14.02
N ALA A 279 9.56 9.55 13.33
CA ALA A 279 9.43 10.72 12.48
C ALA A 279 8.40 10.49 11.37
N VAL A 280 8.50 9.34 10.72
CA VAL A 280 7.65 9.05 9.57
C VAL A 280 6.22 8.82 10.05
N LYS A 281 6.07 8.16 11.19
CA LYS A 281 4.75 7.91 11.75
C LYS A 281 4.06 9.25 12.05
N ASP A 282 4.79 10.15 12.71
CA ASP A 282 4.31 11.49 13.01
C ASP A 282 3.98 12.25 11.72
N ALA A 283 4.84 12.11 10.71
CA ALA A 283 4.60 12.79 9.43
C ALA A 283 3.31 12.28 8.79
N THR A 284 3.10 10.97 8.86
CA THR A 284 1.91 10.37 8.26
C THR A 284 0.68 10.81 9.02
N ASN A 285 0.75 10.78 10.35
CA ASN A 285 -0.36 11.23 11.17
C ASN A 285 -0.67 12.73 10.93
N THR A 286 0.36 13.54 10.69
CA THR A 286 0.16 14.96 10.36
C THR A 286 -0.59 15.10 9.05
N GLY A 287 -0.17 14.32 8.05
CA GLY A 287 -0.83 14.33 6.77
C GLY A 287 -2.29 13.95 6.91
N ILE A 288 -2.54 12.92 7.72
CA ILE A 288 -3.89 12.47 7.97
C ILE A 288 -4.72 13.57 8.68
N LYS A 289 -4.14 14.23 9.67
CA LYS A 289 -4.87 15.28 10.41
C LYS A 289 -5.21 16.45 9.49
N CYS A 290 -4.28 16.81 8.62
CA CYS A 290 -4.42 17.96 7.72
C CYS A 290 -5.42 17.69 6.59
N ALA A 291 -5.58 16.44 6.21
CA ALA A 291 -6.46 16.11 5.09
C ALA A 291 -7.89 16.53 5.37
N GLY A 292 -8.60 16.89 4.31
CA GLY A 292 -10.00 17.24 4.44
C GLY A 292 -10.61 17.73 3.15
N ILE A 293 -11.93 17.81 3.14
CA ILE A 293 -12.66 18.35 2.00
C ILE A 293 -12.28 19.82 1.86
N ASP A 294 -11.92 20.24 0.65
CA ASP A 294 -11.52 21.62 0.34
C ASP A 294 -10.07 21.97 0.78
N VAL A 295 -9.34 20.98 1.31
CA VAL A 295 -7.95 21.18 1.69
C VAL A 295 -7.08 21.08 0.44
N ARG A 296 -6.14 22.00 0.28
CA ARG A 296 -5.22 21.98 -0.86
C ARG A 296 -4.16 20.90 -0.68
N LEU A 297 -3.93 20.09 -1.72
CA LEU A 297 -2.93 19.03 -1.63
C LEU A 297 -1.54 19.57 -1.27
N CYS A 298 -1.17 20.74 -1.81
CA CYS A 298 0.16 21.32 -1.54
C CYS A 298 0.33 21.67 -0.07
N ASP A 299 -0.76 22.02 0.60
CA ASP A 299 -0.69 22.32 2.03
C ASP A 299 -0.38 21.09 2.85
N VAL A 300 -0.99 19.96 2.47
CA VAL A 300 -0.78 18.69 3.16
C VAL A 300 0.70 18.30 3.04
N GLY A 301 1.28 18.42 1.85
CA GLY A 301 2.69 18.12 1.63
C GLY A 301 3.62 19.00 2.46
N GLU A 302 3.34 20.30 2.47
CA GLU A 302 4.13 21.24 3.25
C GLU A 302 4.05 20.85 4.72
N ALA A 303 2.83 20.56 5.18
CA ALA A 303 2.60 20.15 6.56
C ALA A 303 3.42 18.90 6.91
N ILE A 304 3.38 17.91 6.02
CA ILE A 304 4.07 16.64 6.25
C ILE A 304 5.56 16.89 6.35
N GLN A 305 6.05 17.74 5.46
CA GLN A 305 7.46 18.02 5.40
C GLN A 305 7.94 18.67 6.68
N GLU A 306 7.18 19.67 7.14
CA GLU A 306 7.54 20.42 8.35
C GLU A 306 7.74 19.48 9.54
N VAL A 307 6.79 18.57 9.74
CA VAL A 307 6.91 17.63 10.84
C VAL A 307 8.09 16.68 10.62
N MET A 308 8.18 16.13 9.42
CA MET A 308 9.21 15.13 9.12
C MET A 308 10.61 15.66 9.39
N GLU A 309 10.87 16.88 8.91
CA GLU A 309 12.18 17.51 9.01
C GLU A 309 12.46 18.06 10.40
N SER A 310 11.46 18.03 11.29
CA SER A 310 11.68 18.48 12.66
C SER A 310 12.46 17.41 13.44
N TYR A 311 12.63 16.23 12.83
CA TYR A 311 13.30 15.10 13.46
C TYR A 311 14.75 14.95 13.01
N GLU A 312 15.60 14.66 13.98
CA GLU A 312 16.99 14.35 13.70
C GLU A 312 17.23 12.99 14.33
N VAL A 313 18.03 12.16 13.68
CA VAL A 313 18.31 10.82 14.18
C VAL A 313 19.81 10.56 14.16
N GLU A 314 20.22 9.58 14.95
CA GLU A 314 21.61 9.15 14.97
C GLU A 314 21.60 7.64 14.78
N ILE A 315 22.28 7.17 13.74
CA ILE A 315 22.33 5.76 13.41
C ILE A 315 23.79 5.41 13.13
N ASP A 316 24.33 4.46 13.89
CA ASP A 316 25.72 4.02 13.73
C ASP A 316 26.70 5.20 13.77
N GLY A 317 26.51 6.07 14.75
CA GLY A 317 27.42 7.19 14.96
C GLY A 317 27.31 8.35 13.97
N LYS A 318 26.35 8.32 13.06
CA LYS A 318 26.15 9.45 12.17
C LYS A 318 24.78 10.05 12.43
N THR A 319 24.67 11.37 12.30
CA THR A 319 23.39 12.03 12.54
C THR A 319 22.81 12.47 11.23
N TYR A 320 21.49 12.57 11.19
CA TYR A 320 20.79 12.97 9.98
C TYR A 320 19.55 13.77 10.30
N GLN A 321 19.22 14.75 9.45
CA GLN A 321 17.92 15.39 9.51
C GLN A 321 17.04 14.53 8.60
N VAL A 322 15.97 13.97 9.14
CA VAL A 322 15.09 13.11 8.34
C VAL A 322 14.54 13.90 7.15
N LYS A 323 14.64 13.33 5.95
CA LYS A 323 14.04 14.01 4.81
C LYS A 323 12.94 13.17 4.19
N PRO A 324 11.88 13.83 3.73
CA PRO A 324 10.83 13.15 3.03
C PRO A 324 11.38 12.74 1.65
N ILE A 325 10.90 11.64 1.10
CA ILE A 325 11.36 11.23 -0.22
C ILE A 325 10.52 12.05 -1.19
N ARG A 326 11.14 13.03 -1.84
CA ARG A 326 10.38 14.05 -2.60
C ARG A 326 9.60 13.54 -3.82
N ASN A 327 10.09 12.49 -4.46
CA ASN A 327 9.39 11.95 -5.65
C ASN A 327 8.51 10.75 -5.32
N LEU A 328 8.17 10.60 -4.04
CA LEU A 328 7.16 9.63 -3.62
C LEU A 328 5.99 10.44 -3.03
N ASN A 329 4.77 9.92 -3.15
CA ASN A 329 3.58 10.63 -2.70
C ASN A 329 2.45 9.68 -2.34
N GLY A 330 1.47 10.21 -1.63
CA GLY A 330 0.23 9.51 -1.40
C GLY A 330 -0.61 9.69 -2.66
N HIS A 331 -1.82 9.18 -2.64
CA HIS A 331 -2.67 9.17 -3.83
C HIS A 331 -4.13 8.92 -3.60
N SER A 332 -4.95 9.42 -4.52
CA SER A 332 -6.35 9.13 -4.46
C SER A 332 -6.49 7.68 -4.93
N ILE A 333 -7.54 7.05 -4.45
CA ILE A 333 -7.88 5.70 -4.77
C ILE A 333 -9.26 5.67 -5.41
N GLY A 334 -9.41 4.89 -6.47
CA GLY A 334 -10.71 4.70 -7.12
C GLY A 334 -11.08 3.23 -7.14
N GLN A 335 -12.25 2.90 -7.67
CA GLN A 335 -12.68 1.50 -7.73
C GLN A 335 -11.76 0.69 -8.63
N TYR A 336 -11.17 -0.37 -8.07
CA TYR A 336 -10.19 -1.21 -8.75
C TYR A 336 -9.04 -0.36 -9.28
N ARG A 337 -8.85 0.82 -8.69
CA ARG A 337 -7.85 1.77 -9.18
C ARG A 337 -6.97 2.33 -8.05
N ILE A 338 -5.88 1.63 -7.75
CA ILE A 338 -4.99 2.02 -6.66
C ILE A 338 -4.49 3.46 -6.74
N HIS A 339 -4.20 3.93 -7.96
CA HIS A 339 -3.78 5.32 -8.19
C HIS A 339 -4.79 6.01 -9.10
N ALA A 340 -5.75 6.69 -8.49
CA ALA A 340 -6.90 7.24 -9.23
C ALA A 340 -6.64 8.53 -9.98
N GLY A 341 -5.52 9.21 -9.71
CA GLY A 341 -5.21 10.42 -10.46
C GLY A 341 -4.65 11.61 -9.70
N LYS A 342 -5.07 11.78 -8.46
CA LYS A 342 -4.56 12.88 -7.65
C LYS A 342 -3.43 12.34 -6.77
N THR A 343 -2.42 13.16 -6.53
CA THR A 343 -1.32 12.72 -5.71
C THR A 343 -1.21 13.64 -4.50
N VAL A 344 -0.74 13.07 -3.39
CA VAL A 344 -0.55 13.79 -2.13
C VAL A 344 0.95 13.90 -1.92
N PRO A 345 1.52 15.08 -2.16
CA PRO A 345 2.97 15.25 -2.04
C PRO A 345 3.41 15.28 -0.59
N ILE A 346 4.67 14.94 -0.35
CA ILE A 346 5.18 14.93 1.02
C ILE A 346 6.24 15.99 1.25
N ILE A 347 6.34 16.93 0.30
CA ILE A 347 7.19 18.09 0.44
C ILE A 347 6.38 19.30 -0.04
N LYS A 348 6.84 20.49 0.29
CA LYS A 348 6.21 21.73 -0.19
C LYS A 348 6.39 21.84 -1.71
N GLY A 349 5.64 22.76 -2.33
CA GLY A 349 5.80 23.03 -3.76
C GLY A 349 4.85 22.37 -4.75
N GLY A 350 3.91 21.55 -4.27
CA GLY A 350 2.99 20.84 -5.15
C GLY A 350 1.81 21.64 -5.67
N GLU A 351 0.80 20.91 -6.17
CA GLU A 351 -0.41 21.51 -6.73
C GLU A 351 -1.41 21.96 -5.66
N ALA A 352 -2.05 23.11 -5.89
CA ALA A 352 -3.09 23.63 -4.99
C ALA A 352 -4.43 22.94 -5.22
N THR A 353 -4.48 21.98 -6.13
CA THR A 353 -5.68 21.16 -6.31
C THR A 353 -6.24 20.76 -4.95
N ARG A 354 -7.55 20.80 -4.83
CA ARG A 354 -8.21 20.54 -3.56
C ARG A 354 -8.74 19.11 -3.48
N MET A 355 -8.81 18.59 -2.26
CA MET A 355 -9.41 17.29 -1.98
C MET A 355 -10.91 17.52 -2.02
N GLU A 356 -11.65 16.54 -2.51
CA GLU A 356 -13.08 16.70 -2.69
C GLU A 356 -13.89 15.69 -1.89
N GLU A 357 -15.10 16.11 -1.53
CA GLU A 357 -16.04 15.26 -0.81
C GLU A 357 -16.20 13.94 -1.56
N GLY A 358 -16.19 12.85 -0.82
CA GLY A 358 -16.37 11.52 -1.40
C GLY A 358 -15.10 10.84 -1.88
N GLU A 359 -14.00 11.57 -1.99
CA GLU A 359 -12.74 10.96 -2.41
C GLU A 359 -12.17 10.06 -1.31
N VAL A 360 -11.31 9.13 -1.73
CA VAL A 360 -10.61 8.24 -0.82
C VAL A 360 -9.12 8.42 -1.11
N TYR A 361 -8.32 8.55 -0.05
CA TYR A 361 -6.88 8.75 -0.22
C TYR A 361 -6.03 7.78 0.57
N ALA A 362 -4.89 7.42 -0.04
CA ALA A 362 -3.85 6.72 0.66
C ALA A 362 -2.91 7.83 1.14
N ILE A 363 -2.89 8.09 2.44
CA ILE A 363 -1.95 9.04 3.00
C ILE A 363 -0.72 8.27 3.43
N GLU A 364 0.36 8.38 2.66
CA GLU A 364 1.62 7.71 2.96
C GLU A 364 2.75 8.73 2.92
N THR A 365 3.72 8.56 3.80
CA THR A 365 4.92 9.37 3.77
C THR A 365 6.09 8.41 3.88
N PHE A 366 7.24 8.86 3.40
CA PHE A 366 8.45 8.08 3.45
C PHE A 366 9.52 9.04 3.93
N GLY A 367 10.33 8.59 4.87
CA GLY A 367 11.44 9.38 5.34
C GLY A 367 12.73 8.66 5.00
N SER A 368 13.81 9.40 4.75
CA SER A 368 15.07 8.78 4.36
C SER A 368 16.29 9.47 4.97
N THR A 369 17.36 8.70 5.18
CA THR A 369 18.63 9.26 5.62
C THR A 369 19.52 9.51 4.40
N GLY A 370 19.00 9.29 3.19
CA GLY A 370 19.82 9.44 1.99
C GLY A 370 19.58 10.77 1.29
N LYS A 371 19.41 10.72 -0.03
CA LYS A 371 19.15 11.92 -0.82
C LYS A 371 17.72 12.41 -0.72
N GLY A 372 16.80 11.53 -0.36
CA GLY A 372 15.40 11.92 -0.33
C GLY A 372 14.80 11.85 -1.72
N VAL A 373 15.41 11.01 -2.56
CA VAL A 373 14.96 10.79 -3.93
C VAL A 373 15.10 9.32 -4.28
N VAL A 374 14.09 8.76 -4.91
CA VAL A 374 14.19 7.35 -5.34
C VAL A 374 14.39 7.21 -6.84
N HIS A 375 15.11 6.15 -7.19
CA HIS A 375 15.27 5.68 -8.57
C HIS A 375 14.89 4.23 -8.78
N ASP A 376 14.58 3.84 -10.01
CA ASP A 376 14.29 2.45 -10.32
C ASP A 376 15.54 1.62 -10.10
N ASP A 377 15.41 0.47 -9.47
CA ASP A 377 16.58 -0.37 -9.23
C ASP A 377 16.14 -1.80 -9.00
N MET A 378 17.02 -2.75 -9.37
CA MET A 378 16.79 -4.18 -9.13
C MET A 378 15.83 -4.81 -10.16
N GLU A 379 15.53 -6.09 -9.97
CA GLU A 379 14.61 -6.82 -10.84
C GLU A 379 13.20 -6.33 -10.53
N CYS A 380 12.39 -6.18 -11.57
CA CYS A 380 11.00 -5.76 -11.42
C CYS A 380 10.17 -6.96 -11.02
N SER A 381 9.22 -6.74 -10.12
CA SER A 381 8.35 -7.81 -9.65
C SER A 381 6.89 -7.39 -9.76
N HIS A 382 6.64 -6.09 -9.70
CA HIS A 382 5.29 -5.53 -9.67
C HIS A 382 4.87 -5.06 -11.06
N TYR A 383 3.62 -5.35 -11.43
CA TYR A 383 3.07 -4.97 -12.74
C TYR A 383 1.60 -4.65 -12.57
N MET A 384 1.08 -3.81 -13.44
CA MET A 384 -0.34 -3.47 -13.39
C MET A 384 -0.82 -2.98 -14.74
N LYS A 385 -1.96 -3.50 -15.17
CA LYS A 385 -2.57 -3.08 -16.41
C LYS A 385 -2.83 -1.56 -16.38
N ASN A 386 -2.59 -0.88 -17.49
CA ASN A 386 -2.92 0.54 -17.60
C ASN A 386 -4.43 0.64 -17.53
N PHE A 387 -4.95 1.36 -16.54
CA PHE A 387 -6.38 1.50 -16.34
C PHE A 387 -7.12 2.06 -17.55
N ASP A 388 -6.47 2.93 -18.33
CA ASP A 388 -7.14 3.60 -19.44
C ASP A 388 -7.12 2.87 -20.77
N VAL A 389 -6.35 1.80 -20.85
CA VAL A 389 -6.24 1.07 -22.10
C VAL A 389 -7.45 0.15 -22.23
N GLY A 390 -8.07 0.17 -23.42
CA GLY A 390 -9.24 -0.65 -23.64
C GLY A 390 -8.86 -2.04 -24.11
N HIS A 391 -9.82 -2.76 -24.68
CA HIS A 391 -9.58 -4.09 -25.21
C HIS A 391 -8.63 -4.00 -26.40
N VAL A 392 -7.68 -4.92 -26.45
CA VAL A 392 -6.72 -4.96 -27.54
C VAL A 392 -6.68 -6.40 -28.03
N PRO A 393 -6.98 -6.65 -29.30
CA PRO A 393 -6.91 -8.01 -29.84
C PRO A 393 -5.45 -8.46 -29.98
N ILE A 394 -5.14 -9.67 -29.53
CA ILE A 394 -3.80 -10.21 -29.62
C ILE A 394 -3.81 -11.62 -30.23
N ARG A 395 -3.03 -11.81 -31.28
CA ARG A 395 -2.95 -13.10 -31.94
C ARG A 395 -1.75 -13.91 -31.43
N LEU A 396 -0.64 -13.24 -31.10
CA LEU A 396 0.52 -13.92 -30.52
C LEU A 396 0.02 -14.81 -29.37
N PRO A 397 0.16 -16.13 -29.52
CA PRO A 397 -0.43 -17.07 -28.56
C PRO A 397 -0.05 -16.90 -27.11
N ARG A 398 1.23 -16.81 -26.78
CA ARG A 398 1.60 -16.74 -25.38
C ARG A 398 1.21 -15.41 -24.78
N THR A 399 1.33 -14.36 -25.60
CA THR A 399 1.02 -13.03 -25.15
C THR A 399 -0.48 -12.91 -24.92
N LYS A 400 -1.25 -13.48 -25.84
CA LYS A 400 -2.71 -13.51 -25.73
C LYS A 400 -3.15 -14.22 -24.45
N HIS A 401 -2.59 -15.41 -24.26
CA HIS A 401 -2.94 -16.15 -23.05
C HIS A 401 -2.64 -15.41 -21.76
N LEU A 402 -1.49 -14.77 -21.72
CA LEU A 402 -1.10 -14.09 -20.50
C LEU A 402 -2.02 -12.92 -20.24
N LEU A 403 -2.36 -12.16 -21.28
CA LEU A 403 -3.25 -11.04 -21.12
C LEU A 403 -4.61 -11.52 -20.61
N ASN A 404 -5.06 -12.68 -21.11
CA ASN A 404 -6.32 -13.24 -20.66
C ASN A 404 -6.24 -13.62 -19.19
N VAL A 405 -5.11 -14.21 -18.78
CA VAL A 405 -4.89 -14.59 -17.38
C VAL A 405 -4.93 -13.35 -16.50
N ILE A 406 -4.30 -12.26 -16.96
CA ILE A 406 -4.30 -11.01 -16.19
C ILE A 406 -5.71 -10.43 -16.08
N ASN A 407 -6.44 -10.39 -17.20
CA ASN A 407 -7.81 -9.87 -17.20
C ASN A 407 -8.73 -10.65 -16.27
N GLU A 408 -8.60 -11.98 -16.31
CA GLU A 408 -9.41 -12.86 -15.47
C GLU A 408 -9.11 -12.73 -13.98
N ASN A 409 -7.82 -12.68 -13.65
CA ASN A 409 -7.39 -12.76 -12.26
C ASN A 409 -7.11 -11.43 -11.55
N PHE A 410 -6.67 -10.41 -12.29
CA PHE A 410 -6.31 -9.13 -11.70
C PHE A 410 -7.09 -7.92 -12.22
N GLY A 411 -7.55 -7.97 -13.46
CA GLY A 411 -8.24 -6.84 -14.05
C GLY A 411 -7.25 -5.68 -14.02
N THR A 412 -7.65 -4.56 -13.43
CA THR A 412 -6.74 -3.42 -13.32
C THR A 412 -5.98 -3.38 -11.98
N LEU A 413 -6.10 -4.42 -11.17
CA LEU A 413 -5.36 -4.50 -9.91
C LEU A 413 -3.93 -4.92 -10.20
N ALA A 414 -2.99 -4.49 -9.36
CA ALA A 414 -1.60 -4.84 -9.54
C ALA A 414 -1.33 -6.31 -9.16
N PHE A 415 -0.31 -6.89 -9.78
CA PHE A 415 0.06 -8.26 -9.49
C PHE A 415 1.59 -8.34 -9.49
N CYS A 416 2.11 -9.49 -9.09
CA CYS A 416 3.54 -9.76 -9.19
C CYS A 416 3.78 -11.10 -9.90
N ARG A 417 5.04 -11.38 -10.23
CA ARG A 417 5.41 -12.62 -10.89
C ARG A 417 5.06 -13.86 -10.08
N ARG A 418 5.25 -13.79 -8.77
CA ARG A 418 4.90 -14.91 -7.89
C ARG A 418 3.43 -15.29 -8.06
N TRP A 419 2.58 -14.30 -8.29
CA TRP A 419 1.16 -14.55 -8.46
C TRP A 419 0.86 -15.24 -9.80
N LEU A 420 1.76 -15.08 -10.76
CA LEU A 420 1.61 -15.79 -12.03
C LEU A 420 2.07 -17.23 -11.84
N ASP A 421 3.21 -17.42 -11.17
CA ASP A 421 3.73 -18.77 -10.89
C ASP A 421 2.67 -19.64 -10.23
N ARG A 422 2.08 -19.08 -9.19
CA ARG A 422 1.04 -19.71 -8.39
C ARG A 422 -0.18 -20.16 -9.21
N LEU A 423 -0.45 -19.47 -10.31
CA LEU A 423 -1.56 -19.84 -11.18
C LEU A 423 -1.13 -20.91 -12.18
N GLY A 424 0.10 -21.39 -12.01
CA GLY A 424 0.62 -22.42 -12.89
C GLY A 424 1.19 -21.91 -14.20
N GLU A 425 1.39 -20.60 -14.32
CA GLU A 425 2.00 -20.09 -15.54
C GLU A 425 3.51 -20.18 -15.52
N SER A 426 4.10 -20.57 -16.65
CA SER A 426 5.54 -20.60 -16.82
C SER A 426 5.90 -20.05 -18.20
N LYS A 427 7.18 -19.72 -18.40
CA LYS A 427 7.61 -19.16 -19.69
C LYS A 427 6.72 -17.99 -20.07
N TYR A 428 6.52 -17.06 -19.16
CA TYR A 428 5.64 -15.94 -19.45
C TYR A 428 6.38 -14.60 -19.53
N LEU A 429 7.69 -14.62 -19.28
CA LEU A 429 8.46 -13.38 -19.22
C LEU A 429 8.48 -12.58 -20.50
N MET A 430 8.66 -13.24 -21.64
CA MET A 430 8.64 -12.53 -22.90
C MET A 430 7.23 -11.99 -23.18
N ALA A 431 6.21 -12.80 -22.91
CA ALA A 431 4.82 -12.33 -23.05
C ALA A 431 4.56 -11.08 -22.18
N LEU A 432 5.05 -11.10 -20.94
CA LEU A 432 4.86 -9.98 -20.02
C LEU A 432 5.58 -8.73 -20.55
N LYS A 433 6.80 -8.92 -21.05
CA LYS A 433 7.56 -7.85 -21.69
C LYS A 433 6.81 -7.28 -22.90
N ASN A 434 6.24 -8.15 -23.72
CA ASN A 434 5.43 -7.73 -24.87
C ASN A 434 4.29 -6.83 -24.40
N LEU A 435 3.54 -7.28 -23.39
CA LEU A 435 2.43 -6.50 -22.87
C LEU A 435 2.89 -5.12 -22.37
N CYS A 436 4.09 -5.08 -21.77
CA CYS A 436 4.65 -3.82 -21.26
C CYS A 436 5.03 -2.92 -22.43
N ASP A 437 5.68 -3.50 -23.43
CA ASP A 437 6.17 -2.74 -24.60
C ASP A 437 4.96 -2.16 -25.35
N LEU A 438 3.86 -2.90 -25.36
CA LEU A 438 2.62 -2.46 -25.96
C LEU A 438 1.91 -1.38 -25.14
N GLY A 439 2.34 -1.18 -23.91
CA GLY A 439 1.71 -0.19 -23.04
C GLY A 439 0.42 -0.68 -22.43
N ILE A 440 0.11 -1.97 -22.61
CA ILE A 440 -1.09 -2.56 -22.04
C ILE A 440 -0.88 -2.78 -20.54
N VAL A 441 0.32 -3.25 -20.19
CA VAL A 441 0.74 -3.43 -18.81
C VAL A 441 1.90 -2.46 -18.51
N ASP A 442 1.93 -1.91 -17.30
CA ASP A 442 3.05 -1.09 -16.85
C ASP A 442 3.86 -1.81 -15.78
N PRO A 443 5.18 -1.76 -15.90
CA PRO A 443 6.06 -2.32 -14.87
C PRO A 443 6.26 -1.30 -13.76
N TYR A 444 6.37 -1.75 -12.53
CA TYR A 444 6.63 -0.87 -11.38
C TYR A 444 7.82 -1.41 -10.59
N PRO A 445 9.03 -1.10 -11.03
CA PRO A 445 10.22 -1.61 -10.35
C PRO A 445 10.45 -0.97 -8.99
N PRO A 446 11.27 -1.63 -8.16
CA PRO A 446 11.61 -1.09 -6.86
C PRO A 446 12.18 0.31 -7.01
N LEU A 447 11.85 1.14 -6.03
CA LEU A 447 12.24 2.52 -5.97
C LEU A 447 13.11 2.65 -4.75
N CYS A 448 14.38 2.94 -4.98
CA CYS A 448 15.36 2.97 -3.92
C CYS A 448 16.15 4.28 -3.92
N ASP A 449 16.48 4.74 -2.72
CA ASP A 449 17.34 5.89 -2.50
C ASP A 449 18.77 5.33 -2.64
N ILE A 450 19.79 6.13 -2.35
CA ILE A 450 21.19 5.70 -2.48
C ILE A 450 21.63 4.57 -1.57
N LYS A 451 22.60 3.80 -2.05
CA LYS A 451 23.19 2.70 -1.29
C LYS A 451 23.63 3.20 0.08
N GLY A 452 23.38 2.41 1.12
CA GLY A 452 23.73 2.81 2.48
C GLY A 452 22.69 3.65 3.23
N SER A 453 21.69 4.18 2.52
CA SER A 453 20.66 4.98 3.17
C SER A 453 19.57 4.10 3.78
N TYR A 454 18.80 4.66 4.70
CA TYR A 454 17.69 3.95 5.33
C TYR A 454 16.40 4.70 5.08
N THR A 455 15.36 3.97 4.69
CA THR A 455 14.05 4.57 4.44
C THR A 455 12.96 3.91 5.29
N ALA A 456 11.97 4.70 5.70
CA ALA A 456 10.83 4.22 6.49
C ALA A 456 9.52 4.72 5.88
N GLN A 457 8.42 4.01 6.13
CA GLN A 457 7.10 4.32 5.57
C GLN A 457 5.97 4.00 6.53
N PHE A 458 4.98 4.88 6.59
CA PHE A 458 3.73 4.57 7.27
C PHE A 458 2.63 5.09 6.38
N GLU A 459 1.54 4.35 6.32
CA GLU A 459 0.46 4.67 5.40
C GLU A 459 -0.89 4.21 5.92
N HIS A 460 -1.90 5.03 5.67
CA HIS A 460 -3.29 4.69 5.97
C HIS A 460 -4.19 5.13 4.82
N THR A 461 -5.34 4.48 4.73
CA THR A 461 -6.37 4.88 3.79
C THR A 461 -7.42 5.66 4.56
N ILE A 462 -7.88 6.77 4.00
CA ILE A 462 -8.91 7.59 4.63
C ILE A 462 -10.07 7.78 3.66
N LEU A 463 -11.28 7.89 4.22
CA LEU A 463 -12.48 8.14 3.44
C LEU A 463 -12.94 9.56 3.74
N LEU A 464 -13.06 10.39 2.71
CA LEU A 464 -13.57 11.73 2.89
C LEU A 464 -15.09 11.70 2.79
N ARG A 465 -15.72 11.23 3.86
CA ARG A 465 -17.17 11.12 3.90
C ARG A 465 -17.81 12.50 4.10
N PRO A 466 -19.05 12.65 3.69
CA PRO A 466 -19.77 13.92 3.85
C PRO A 466 -19.84 14.43 5.30
N THR A 467 -20.06 13.54 6.26
CA THR A 467 -20.20 13.97 7.65
C THR A 467 -18.89 13.97 8.45
N CYS A 468 -17.85 13.32 7.93
CA CYS A 468 -16.58 13.22 8.64
C CYS A 468 -15.43 12.61 7.82
N LYS A 469 -14.26 12.56 8.45
CA LYS A 469 -13.08 11.97 7.86
C LYS A 469 -12.86 10.65 8.59
N GLU A 470 -12.86 9.54 7.86
CA GLU A 470 -12.65 8.25 8.49
C GLU A 470 -11.29 7.65 8.14
N VAL A 471 -10.43 7.52 9.15
CA VAL A 471 -9.16 6.86 8.97
C VAL A 471 -9.51 5.37 9.06
N VAL A 472 -10.02 4.84 7.95
CA VAL A 472 -10.61 3.51 7.92
C VAL A 472 -9.67 2.35 8.34
N SER A 473 -8.38 2.48 8.03
CA SER A 473 -7.41 1.42 8.34
C SER A 473 -6.70 1.61 9.67
N ARG A 474 -7.08 2.62 10.44
CA ARG A 474 -6.49 2.83 11.76
C ARG A 474 -6.66 1.60 12.63
N GLY A 475 -5.64 1.24 13.40
CA GLY A 475 -5.76 0.13 14.33
C GLY A 475 -5.25 0.55 15.70
N ASP A 476 -5.21 -0.37 16.66
CA ASP A 476 -4.63 -0.06 17.97
C ASP A 476 -3.09 -0.12 17.90
N ASP A 477 -2.58 -0.49 16.72
CA ASP A 477 -1.13 -0.60 16.51
C ASP A 477 -0.55 0.69 15.90
N TYR A 478 -1.19 1.25 14.88
CA TYR A 478 -0.75 2.51 14.29
C TYR A 478 -1.87 3.10 13.49
ZN ZN B . 0.80 1.20 0.00
ZN ZN C . -0.07 3.87 -1.42
N MED D . 1.58 0.85 -2.39
CA MED D . 0.85 1.22 -3.65
C MED D . 1.47 2.41 -4.37
O MED D . 2.68 2.57 -4.51
CB MED D . 0.79 0.03 -4.61
CG MED D . 2.08 -0.69 -4.85
SD MED D . 1.64 -1.84 -6.17
CE MED D . 1.63 -0.78 -7.55
OXT MED D . 0.71 3.25 -4.84
O TBU E . 5.46 -1.92 14.99
C TBU E . 4.57 -0.83 14.83
C1 TBU E . 4.17 -0.74 13.36
C2 TBU E . 3.35 -1.06 15.71
C3 TBU E . 5.28 0.45 15.24
#